data_6XL8
#
_entry.id   6XL8
#
_cell.length_a   38.217
_cell.length_b   147.469
_cell.length_c   51.037
_cell.angle_alpha   90.000
_cell.angle_beta   94.350
_cell.angle_gamma   90.000
#
_symmetry.space_group_name_H-M   'P 1 21 1'
#
loop_
_entity.id
_entity.type
_entity.pdbx_description
1 polymer 'Heparan sulfate glucosamine 3-O-sulfotransferase 3A1'
2 branched 'beta-D-glucopyranuronic acid-(1-4)-2-deoxy-2-(sulfoamino)-alpha-D-glucopyranose-(1-4)-2-O-sulfo-alpha-L-idopyranuronic acid-(1-4)-2-deoxy-2-(sulfoamino)-alpha-D-glucopyranose-(1-4)-2-O-sulfo-alpha-L-idopyranuronic acid-(1-4)-2-deoxy-2-(sulfoamino)-alpha-D-glucopyranose'
3 branched 'beta-D-glucopyranuronic acid-(1-4)-2-deoxy-2-(sulfoamino)-alpha-D-glucopyranose-(1-4)-2-O-sulfo-alpha-L-idopyranuronic acid-(1-4)-2-deoxy-2-(sulfoamino)-alpha-D-glucopyranose-(1-4)-2-O-sulfo-alpha-L-idopyranuronic acid-(1-4)-2-deoxy-2-(sulfoamino)-alpha-D-glucopyranose-(1-4)-beta-D-glucopyranuronic acid'
4 non-polymer 'SODIUM ION'
5 non-polymer "ADENOSINE-3'-5'-DIPHOSPHATE"
6 non-polymer 'IODIDE ION'
7 non-polymer P-NITROPHENOL
8 water water
#
_entity_poly.entity_id   1
_entity_poly.type   'polypeptide(L)'
_entity_poly.pdbx_seq_one_letter_code
;GSPNSGTLALLLDEGSKQLPQAIIIGVKKGGTRALLEFLRVHPDVRAVGAEPHFFDRSYDKGLAWYRDLMPRTLDGQITM
EKTPSYFVTREAPARISAMSKDTKLIVVVRDPVTRAISDYTQTLSKRPDIPTFESLTFKNRTAGLIDTSWSAIQIGIYAK
HLEHWLRHFPIRQMLFVSGERLISDPAGELGRVQDFLGLKRIITDKHFYFNKTKGFPCLKKAEGSSRPHCLGKTKGRTHP
EIDREVVRRLREFYRPFNLKFYQMTGHDFGWDG
;
_entity_poly.pdbx_strand_id   A,B
#
# COMPACT_ATOMS: atom_id res chain seq x y z
N SER A 16 3.95 -4.41 -19.35
CA SER A 16 4.89 -5.38 -19.92
C SER A 16 6.09 -5.59 -18.99
N LYS A 17 6.87 -6.63 -19.26
CA LYS A 17 8.05 -6.95 -18.47
C LYS A 17 9.25 -6.13 -18.92
N GLN A 18 9.99 -5.60 -17.95
CA GLN A 18 11.16 -4.78 -18.20
C GLN A 18 12.32 -5.31 -17.39
N LEU A 19 13.53 -5.00 -17.84
CA LEU A 19 14.72 -5.39 -17.10
C LEU A 19 14.92 -4.44 -15.93
N PRO A 20 15.34 -4.94 -14.77
CA PRO A 20 15.38 -4.10 -13.56
C PRO A 20 16.26 -2.87 -13.74
N GLN A 21 15.66 -1.69 -13.55
CA GLN A 21 16.40 -0.44 -13.58
C GLN A 21 17.15 -0.18 -12.28
N ALA A 22 16.86 -0.94 -11.22
CA ALA A 22 17.58 -0.83 -9.96
C ALA A 22 17.65 -2.20 -9.31
N ILE A 23 18.83 -2.52 -8.77
CA ILE A 23 19.09 -3.81 -8.15
C ILE A 23 19.65 -3.57 -6.75
N ILE A 24 19.22 -4.39 -5.79
CA ILE A 24 19.84 -4.44 -4.48
C ILE A 24 20.90 -5.53 -4.54
N ILE A 25 22.17 -5.12 -4.70
CA ILE A 25 23.24 -6.05 -5.01
C ILE A 25 23.95 -6.60 -3.78
N GLY A 26 23.61 -6.12 -2.59
CA GLY A 26 24.27 -6.59 -1.38
C GLY A 26 23.90 -5.77 -0.16
N VAL A 27 24.43 -6.11 1.02
CA VAL A 27 25.28 -7.28 1.23
C VAL A 27 24.48 -8.35 1.95
N LYS A 28 25.05 -9.55 2.00
CA LYS A 28 24.41 -10.68 2.67
C LYS A 28 24.33 -10.42 4.17
N LYS A 29 23.10 -10.47 4.71
CA LYS A 29 22.79 -10.28 6.12
C LYS A 29 22.78 -8.81 6.52
N GLY A 30 22.94 -7.88 5.58
CA GLY A 30 22.82 -6.46 5.89
C GLY A 30 21.39 -5.98 6.04
N GLY A 31 20.42 -6.77 5.59
CA GLY A 31 19.02 -6.38 5.64
C GLY A 31 18.43 -6.20 4.26
N THR A 32 18.80 -7.08 3.32
CA THR A 32 18.38 -6.92 1.93
C THR A 32 16.91 -7.25 1.75
N ARG A 33 16.44 -8.34 2.36
CA ARG A 33 15.04 -8.71 2.22
C ARG A 33 14.13 -7.68 2.87
N ALA A 34 14.47 -7.26 4.10
CA ALA A 34 13.71 -6.21 4.77
C ALA A 34 13.51 -5.00 3.86
N LEU A 35 14.60 -4.52 3.24
CA LEU A 35 14.49 -3.33 2.41
C LEU A 35 13.61 -3.59 1.19
N LEU A 36 13.82 -4.72 0.51
CA LEU A 36 12.98 -5.05 -0.62
C LEU A 36 11.52 -5.10 -0.20
N GLU A 37 11.22 -5.86 0.85
CA GLU A 37 9.83 -6.00 1.31
C GLU A 37 9.22 -4.64 1.67
N PHE A 38 10.02 -3.72 2.22
CA PHE A 38 9.49 -2.40 2.51
C PHE A 38 9.24 -1.60 1.23
N LEU A 39 10.17 -1.69 0.26
CA LEU A 39 9.99 -0.96 -0.99
C LEU A 39 8.79 -1.47 -1.77
N ARG A 40 8.41 -2.74 -1.57
CA ARG A 40 7.26 -3.30 -2.28
C ARG A 40 5.95 -2.63 -1.89
N VAL A 41 5.94 -1.81 -0.83
CA VAL A 41 4.73 -1.11 -0.43
C VAL A 41 4.44 0.03 -1.40
N HIS A 42 5.47 0.69 -1.89
CA HIS A 42 5.27 1.85 -2.76
C HIS A 42 4.49 1.43 -4.00
N PRO A 43 3.52 2.24 -4.46
CA PRO A 43 2.74 1.87 -5.64
C PRO A 43 3.53 1.85 -6.94
N ASP A 44 4.77 2.34 -6.96
CA ASP A 44 5.57 2.43 -8.17
C ASP A 44 6.74 1.45 -8.18
N VAL A 45 6.73 0.45 -7.29
CA VAL A 45 7.80 -0.52 -7.19
C VAL A 45 7.21 -1.91 -7.41
N ARG A 46 7.73 -2.62 -8.40
CA ARG A 46 7.45 -4.03 -8.62
C ARG A 46 8.76 -4.79 -8.55
N ALA A 47 8.76 -5.91 -7.85
CA ALA A 47 9.99 -6.64 -7.55
C ALA A 47 9.75 -8.15 -7.65
N VAL A 48 10.83 -8.87 -7.93
CA VAL A 48 10.80 -10.34 -7.90
C VAL A 48 10.80 -10.80 -6.46
N GLY A 49 10.20 -11.96 -6.21
CA GLY A 49 10.15 -12.51 -4.87
C GLY A 49 11.47 -13.08 -4.40
N ALA A 50 11.87 -14.20 -5.00
CA ALA A 50 13.07 -14.91 -4.58
C ALA A 50 14.31 -14.34 -5.29
N GLU A 51 15.45 -14.53 -4.66
CA GLU A 51 16.72 -14.07 -5.21
C GLU A 51 16.95 -14.70 -6.58
N PRO A 52 17.00 -13.93 -7.67
CA PRO A 52 17.23 -14.55 -8.98
C PRO A 52 18.56 -15.27 -9.09
N HIS A 53 19.62 -14.69 -8.53
CA HIS A 53 20.98 -15.24 -8.68
C HIS A 53 21.34 -15.39 -10.16
N PHE A 54 20.98 -14.38 -10.96
CA PHE A 54 21.22 -14.42 -12.40
C PHE A 54 22.67 -14.09 -12.74
N PHE A 55 23.14 -12.92 -12.32
CA PHE A 55 24.47 -12.45 -12.71
C PHE A 55 25.61 -13.24 -12.04
N ASP A 56 25.32 -14.24 -11.21
CA ASP A 56 26.35 -14.98 -10.51
C ASP A 56 26.30 -16.48 -10.76
N ARG A 57 25.12 -17.09 -10.75
CA ARG A 57 24.98 -18.54 -10.89
C ARG A 57 24.28 -18.98 -12.16
N SER A 58 23.58 -18.08 -12.85
CA SER A 58 22.74 -18.48 -13.97
C SER A 58 22.89 -17.52 -15.15
N TYR A 59 24.06 -16.90 -15.30
CA TYR A 59 24.25 -15.93 -16.36
C TYR A 59 24.14 -16.56 -17.75
N ASP A 60 24.53 -17.83 -17.88
CA ASP A 60 24.51 -18.49 -19.18
C ASP A 60 23.12 -18.50 -19.80
N LYS A 61 22.07 -18.48 -18.97
CA LYS A 61 20.71 -18.58 -19.47
C LYS A 61 20.24 -17.33 -20.22
N GLY A 62 21.02 -16.25 -20.20
CA GLY A 62 20.73 -15.09 -21.02
C GLY A 62 19.70 -14.16 -20.41
N LEU A 63 19.60 -12.96 -21.02
CA LEU A 63 18.72 -11.91 -20.52
C LEU A 63 17.26 -12.15 -20.85
N ALA A 64 16.94 -13.04 -21.79
CA ALA A 64 15.55 -13.40 -22.02
C ALA A 64 15.00 -14.20 -20.85
N TRP A 65 15.82 -15.07 -20.26
CA TRP A 65 15.44 -15.76 -19.03
C TRP A 65 15.31 -14.79 -17.88
N TYR A 66 16.29 -13.89 -17.73
CA TYR A 66 16.26 -12.91 -16.66
C TYR A 66 15.00 -12.06 -16.72
N ARG A 67 14.70 -11.53 -17.91
CA ARG A 67 13.53 -10.67 -18.06
C ARG A 67 12.24 -11.41 -17.75
N ASP A 68 12.21 -12.73 -17.99
CA ASP A 68 10.98 -13.49 -17.80
C ASP A 68 10.61 -13.62 -16.33
N LEU A 69 11.60 -13.61 -15.44
CA LEU A 69 11.32 -13.64 -14.00
C LEU A 69 10.66 -12.34 -13.53
N MET A 70 10.95 -11.24 -14.21
CA MET A 70 10.56 -9.94 -13.71
C MET A 70 9.02 -9.78 -13.75
N PRO A 71 8.46 -9.05 -12.79
CA PRO A 71 7.02 -8.76 -12.85
C PRO A 71 6.70 -7.78 -13.97
N ARG A 72 5.42 -7.70 -14.29
CA ARG A 72 4.95 -6.73 -15.26
C ARG A 72 4.82 -5.36 -14.60
N THR A 73 5.04 -4.31 -15.39
CA THR A 73 4.99 -2.94 -14.86
C THR A 73 4.34 -2.01 -15.87
N LEU A 74 3.57 -1.06 -15.35
CA LEU A 74 3.05 0.05 -16.14
C LEU A 74 4.17 1.08 -16.34
N ASP A 75 3.86 2.16 -17.06
CA ASP A 75 4.84 3.20 -17.26
C ASP A 75 5.00 4.02 -15.99
N GLY A 76 6.25 4.39 -15.68
CA GLY A 76 6.57 5.05 -14.44
C GLY A 76 6.83 4.13 -13.28
N GLN A 77 6.54 2.82 -13.43
CA GLN A 77 6.83 1.84 -12.39
C GLN A 77 8.25 1.29 -12.58
N ILE A 78 8.88 0.98 -11.45
CA ILE A 78 10.29 0.58 -11.41
C ILE A 78 10.37 -0.90 -11.08
N THR A 79 11.16 -1.63 -11.84
CA THR A 79 11.36 -3.06 -11.63
C THR A 79 12.65 -3.28 -10.85
N MET A 80 12.59 -4.19 -9.87
CA MET A 80 13.69 -4.36 -8.92
C MET A 80 13.90 -5.84 -8.61
N GLU A 81 15.11 -6.15 -8.15
CA GLU A 81 15.42 -7.46 -7.61
C GLU A 81 16.52 -7.28 -6.56
N LYS A 82 16.73 -8.33 -5.76
CA LYS A 82 17.81 -8.33 -4.79
C LYS A 82 18.51 -9.68 -4.81
N THR A 83 19.82 -9.67 -5.02
CA THR A 83 20.66 -10.86 -4.88
C THR A 83 21.89 -10.44 -4.07
N PRO A 84 22.02 -10.89 -2.81
CA PRO A 84 23.12 -10.38 -1.98
C PRO A 84 24.51 -10.73 -2.47
N SER A 85 24.66 -11.78 -3.28
CA SER A 85 25.99 -12.23 -3.69
C SER A 85 26.59 -11.38 -4.82
N TYR A 86 25.79 -10.58 -5.52
CA TYR A 86 26.31 -9.76 -6.61
C TYR A 86 27.48 -8.90 -6.14
N PHE A 87 27.33 -8.24 -4.99
CA PHE A 87 28.32 -7.29 -4.51
C PHE A 87 29.70 -7.92 -4.35
N VAL A 88 29.78 -9.23 -4.15
CA VAL A 88 31.05 -9.90 -3.89
C VAL A 88 31.46 -10.82 -5.03
N THR A 89 30.56 -11.07 -5.97
CA THR A 89 30.87 -11.93 -7.11
C THR A 89 31.70 -11.16 -8.13
N ARG A 90 32.77 -11.79 -8.60
CA ARG A 90 33.82 -11.06 -9.30
C ARG A 90 33.28 -10.39 -10.56
N GLU A 91 32.53 -11.13 -11.38
CA GLU A 91 32.11 -10.62 -12.68
C GLU A 91 30.84 -9.78 -12.63
N ALA A 92 30.24 -9.57 -11.46
CA ALA A 92 28.95 -8.88 -11.40
C ALA A 92 29.02 -7.46 -11.97
N PRO A 93 29.97 -6.61 -11.57
CA PRO A 93 29.97 -5.22 -12.10
C PRO A 93 29.94 -5.15 -13.61
N ALA A 94 30.84 -5.85 -14.30
CA ALA A 94 30.90 -5.77 -15.75
C ALA A 94 29.60 -6.24 -16.40
N ARG A 95 29.05 -7.35 -15.91
CA ARG A 95 27.85 -7.91 -16.55
C ARG A 95 26.63 -7.00 -16.36
N ILE A 96 26.45 -6.47 -15.15
CA ILE A 96 25.29 -5.60 -14.91
C ILE A 96 25.40 -4.33 -15.76
N SER A 97 26.57 -3.68 -15.75
CA SER A 97 26.79 -2.54 -16.63
C SER A 97 26.59 -2.93 -18.09
N ALA A 98 26.91 -4.17 -18.47
CA ALA A 98 26.67 -4.61 -19.83
C ALA A 98 25.18 -4.66 -20.13
N MET A 99 24.35 -5.03 -19.14
CA MET A 99 22.91 -4.95 -19.31
C MET A 99 22.49 -3.51 -19.57
N SER A 100 23.02 -2.57 -18.79
CA SER A 100 22.82 -1.15 -19.02
C SER A 100 23.77 -0.35 -18.16
N LYS A 101 24.42 0.65 -18.75
CA LYS A 101 25.35 1.48 -17.99
C LYS A 101 24.66 2.37 -16.96
N ASP A 102 23.32 2.45 -16.99
CA ASP A 102 22.58 3.36 -16.13
C ASP A 102 21.95 2.69 -14.92
N THR A 103 22.19 1.40 -14.71
CA THR A 103 21.53 0.68 -13.62
C THR A 103 21.89 1.31 -12.28
N LYS A 104 20.85 1.61 -11.48
CA LYS A 104 21.07 2.09 -10.12
C LYS A 104 21.29 0.91 -9.19
N LEU A 105 22.25 1.07 -8.29
CA LEU A 105 22.70 -0.01 -7.41
C LEU A 105 22.54 0.42 -5.95
N ILE A 106 22.05 -0.49 -5.12
CA ILE A 106 21.87 -0.25 -3.69
C ILE A 106 22.59 -1.34 -2.92
N VAL A 107 23.32 -0.93 -1.88
CA VAL A 107 24.02 -1.84 -0.99
C VAL A 107 23.52 -1.58 0.43
N VAL A 108 22.88 -2.58 1.02
CA VAL A 108 22.48 -2.52 2.43
C VAL A 108 23.65 -3.01 3.27
N VAL A 109 24.36 -2.10 3.90
CA VAL A 109 25.56 -2.44 4.66
C VAL A 109 25.21 -2.53 6.13
N ARG A 110 26.08 -3.22 6.87
CA ARG A 110 25.88 -3.48 8.29
C ARG A 110 27.26 -3.54 8.93
N ASP A 111 27.30 -3.44 10.26
CA ASP A 111 28.55 -3.60 10.98
C ASP A 111 29.23 -4.89 10.52
N PRO A 112 30.42 -4.82 9.92
CA PRO A 112 31.04 -6.03 9.35
C PRO A 112 31.15 -7.19 10.33
N VAL A 113 31.34 -6.90 11.62
CA VAL A 113 31.48 -7.97 12.61
C VAL A 113 30.13 -8.61 12.92
N THR A 114 29.10 -7.79 13.16
CA THR A 114 27.77 -8.34 13.34
C THR A 114 27.33 -9.10 12.10
N ARG A 115 27.75 -8.65 10.92
CA ARG A 115 27.38 -9.33 9.69
C ARG A 115 28.02 -10.70 9.60
N ALA A 116 29.30 -10.81 9.99
CA ALA A 116 29.96 -12.11 9.97
C ALA A 116 29.30 -13.08 10.94
N ILE A 117 28.86 -12.56 12.09
CA ILE A 117 28.18 -13.41 13.07
C ILE A 117 26.80 -13.80 12.56
N SER A 118 26.06 -12.85 12.00
CA SER A 118 24.78 -13.18 11.38
C SER A 118 24.96 -14.21 10.27
N ASP A 119 25.99 -14.04 9.43
CA ASP A 119 26.30 -15.02 8.41
C ASP A 119 26.54 -16.39 9.02
N TYR A 120 27.38 -16.44 10.06
CA TYR A 120 27.65 -17.70 10.75
C TYR A 120 26.37 -18.25 11.38
N THR A 121 25.54 -17.38 11.92
CA THR A 121 24.30 -17.85 12.54
C THR A 121 23.36 -18.46 11.52
N GLN A 122 23.36 -17.95 10.29
CA GLN A 122 22.54 -18.55 9.24
C GLN A 122 23.00 -19.98 8.95
N THR A 123 24.31 -20.17 8.82
CA THR A 123 24.83 -21.52 8.59
C THR A 123 24.53 -22.42 9.79
N LEU A 124 24.65 -21.89 11.00
CA LEU A 124 24.38 -22.66 12.20
C LEU A 124 22.93 -23.14 12.26
N SER A 125 22.03 -22.45 11.57
CA SER A 125 20.64 -22.89 11.50
C SER A 125 20.43 -24.02 10.49
N LYS A 126 21.45 -24.35 9.69
CA LYS A 126 21.36 -25.41 8.69
C LYS A 126 22.22 -26.60 9.06
N ARG A 127 23.50 -26.39 9.31
CA ARG A 127 24.45 -27.43 9.72
C ARG A 127 24.88 -27.16 11.16
N PRO A 128 24.15 -27.69 12.16
CA PRO A 128 24.46 -27.33 13.55
C PRO A 128 25.82 -27.81 14.04
N ASP A 129 26.43 -28.80 13.38
CA ASP A 129 27.64 -29.43 13.87
C ASP A 129 28.92 -28.64 13.58
N ILE A 130 28.81 -27.45 12.99
CA ILE A 130 29.98 -26.72 12.52
C ILE A 130 30.83 -26.26 13.72
N PRO A 131 32.10 -25.96 13.51
CA PRO A 131 32.93 -25.44 14.62
C PRO A 131 32.42 -24.10 15.11
N THR A 132 33.01 -23.65 16.21
CA THR A 132 32.65 -22.37 16.80
C THR A 132 33.04 -21.22 15.88
N PHE A 133 32.40 -20.07 16.10
CA PHE A 133 32.77 -18.86 15.38
C PHE A 133 34.22 -18.46 15.65
N GLU A 134 34.71 -18.71 16.86
CA GLU A 134 36.05 -18.26 17.24
C GLU A 134 37.13 -19.10 16.56
N SER A 135 36.88 -20.39 16.32
CA SER A 135 37.87 -21.21 15.65
C SER A 135 37.88 -20.95 14.15
N LEU A 136 36.70 -20.72 13.54
CA LEU A 136 36.66 -20.35 12.13
C LEU A 136 37.20 -18.94 11.92
N THR A 137 37.15 -18.09 12.94
CA THR A 137 37.61 -16.71 12.77
C THR A 137 39.07 -16.66 12.35
N PHE A 138 39.89 -17.51 12.95
CA PHE A 138 41.34 -17.41 12.83
C PHE A 138 41.93 -18.55 12.01
N LYS A 139 43.02 -18.23 11.32
CA LYS A 139 43.95 -19.23 10.82
C LYS A 139 44.99 -19.62 11.87
N ASN A 140 45.30 -18.71 12.79
CA ASN A 140 46.29 -18.95 13.85
C ASN A 140 45.86 -18.11 15.06
N ARG A 141 45.07 -18.72 15.93
CA ARG A 141 44.60 -18.02 17.13
C ARG A 141 45.77 -17.47 17.94
N THR A 142 46.80 -18.29 18.13
CA THR A 142 47.95 -17.86 18.93
C THR A 142 48.51 -16.53 18.45
N ALA A 143 48.45 -16.26 17.15
CA ALA A 143 49.01 -15.05 16.57
C ALA A 143 47.95 -14.05 16.14
N GLY A 144 46.67 -14.37 16.29
CA GLY A 144 45.62 -13.44 15.90
C GLY A 144 45.52 -13.22 14.40
N LEU A 145 46.01 -14.16 13.61
CA LEU A 145 45.91 -14.07 12.16
C LEU A 145 44.52 -14.50 11.73
N ILE A 146 43.80 -13.59 11.10
CA ILE A 146 42.41 -13.83 10.72
C ILE A 146 42.35 -14.49 9.36
N ASP A 147 41.45 -15.45 9.22
CA ASP A 147 41.27 -16.16 7.96
C ASP A 147 40.55 -15.25 6.95
N THR A 148 41.33 -14.54 6.12
CA THR A 148 40.75 -13.71 5.08
C THR A 148 40.08 -14.53 3.99
N SER A 149 40.40 -15.83 3.90
CA SER A 149 39.74 -16.67 2.91
C SER A 149 38.31 -17.05 3.34
N TRP A 150 38.01 -17.03 4.64
CA TRP A 150 36.65 -17.32 5.09
C TRP A 150 35.69 -16.30 4.51
N SER A 151 34.65 -16.81 3.84
CA SER A 151 33.70 -15.92 3.17
C SER A 151 33.10 -14.91 4.14
N ALA A 152 32.81 -15.35 5.37
CA ALA A 152 32.18 -14.46 6.34
C ALA A 152 33.05 -13.24 6.60
N ILE A 153 34.37 -13.44 6.69
CA ILE A 153 35.28 -12.32 6.87
C ILE A 153 35.30 -11.44 5.62
N GLN A 154 35.42 -12.08 4.45
CA GLN A 154 35.73 -11.33 3.23
C GLN A 154 34.56 -10.46 2.78
N ILE A 155 33.32 -10.91 2.99
CA ILE A 155 32.16 -10.12 2.56
C ILE A 155 32.10 -8.80 3.31
N GLY A 156 32.65 -8.75 4.54
CA GLY A 156 32.59 -7.55 5.34
C GLY A 156 33.56 -6.45 4.93
N ILE A 157 34.48 -6.75 4.03
CA ILE A 157 35.48 -5.76 3.57
C ILE A 157 34.84 -5.03 2.42
N TYR A 158 33.91 -4.11 2.74
CA TYR A 158 33.08 -3.48 1.74
C TYR A 158 33.89 -2.61 0.78
N ALA A 159 34.93 -1.95 1.29
CA ALA A 159 35.75 -1.08 0.44
C ALA A 159 36.46 -1.88 -0.63
N LYS A 160 36.92 -3.10 -0.29
CA LYS A 160 37.56 -3.97 -1.26
C LYS A 160 36.65 -4.19 -2.47
N HIS A 161 35.41 -4.64 -2.22
CA HIS A 161 34.50 -4.92 -3.32
C HIS A 161 34.01 -3.64 -3.97
N LEU A 162 33.88 -2.56 -3.20
CA LEU A 162 33.38 -1.31 -3.77
C LEU A 162 34.32 -0.79 -4.85
N GLU A 163 35.63 -0.89 -4.64
CA GLU A 163 36.57 -0.40 -5.64
C GLU A 163 36.32 -1.03 -7.01
N HIS A 164 35.97 -2.31 -7.04
CA HIS A 164 35.72 -2.99 -8.31
C HIS A 164 34.45 -2.48 -8.98
N TRP A 165 33.42 -2.17 -8.18
CA TRP A 165 32.18 -1.66 -8.75
C TRP A 165 32.36 -0.26 -9.33
N LEU A 166 33.22 0.57 -8.71
CA LEU A 166 33.47 1.91 -9.22
C LEU A 166 34.27 1.93 -10.52
N ARG A 167 34.80 0.78 -10.96
CA ARG A 167 35.39 0.70 -12.29
C ARG A 167 34.35 0.63 -13.40
N HIS A 168 33.09 0.36 -13.06
CA HIS A 168 32.02 0.25 -14.04
C HIS A 168 30.83 1.14 -13.75
N PHE A 169 30.83 1.87 -12.64
CA PHE A 169 29.69 2.72 -12.29
C PHE A 169 30.15 3.99 -11.58
N PRO A 170 29.52 5.13 -11.85
CA PRO A 170 29.78 6.31 -11.04
C PRO A 170 29.15 6.17 -9.67
N ILE A 171 29.85 6.64 -8.64
CA ILE A 171 29.38 6.48 -7.28
C ILE A 171 28.01 7.14 -7.08
N ARG A 172 27.62 8.05 -7.98
CA ARG A 172 26.31 8.68 -7.87
C ARG A 172 25.18 7.68 -8.12
N GLN A 173 25.40 6.68 -8.97
CA GLN A 173 24.41 5.64 -9.21
C GLN A 173 24.41 4.55 -8.14
N MET A 174 25.19 4.71 -7.07
CA MET A 174 25.26 3.74 -5.99
C MET A 174 24.82 4.40 -4.69
N LEU A 175 23.90 3.74 -3.99
CA LEU A 175 23.39 4.20 -2.70
C LEU A 175 23.72 3.16 -1.64
N PHE A 176 24.25 3.62 -0.51
CA PHE A 176 24.60 2.74 0.60
C PHE A 176 23.66 3.02 1.76
N VAL A 177 22.88 2.01 2.14
CA VAL A 177 21.84 2.13 3.16
C VAL A 177 22.36 1.57 4.47
N SER A 178 22.07 2.28 5.56
CA SER A 178 22.46 1.80 6.89
C SER A 178 21.57 0.64 7.32
N GLY A 179 22.17 -0.51 7.59
CA GLY A 179 21.41 -1.64 8.07
C GLY A 179 20.96 -1.47 9.51
N GLU A 180 21.76 -0.78 10.32
CA GLU A 180 21.37 -0.50 11.70
C GLU A 180 20.21 0.48 11.75
N ARG A 181 20.29 1.55 10.95
CA ARG A 181 19.23 2.55 10.92
C ARG A 181 17.97 2.01 10.25
N LEU A 182 18.11 1.02 9.37
CA LEU A 182 16.94 0.36 8.79
C LEU A 182 16.10 -0.31 9.87
N ILE A 183 16.72 -0.70 10.98
CA ILE A 183 16.02 -1.40 12.05
C ILE A 183 15.47 -0.42 13.09
N SER A 184 16.15 0.69 13.34
CA SER A 184 15.72 1.66 14.33
C SER A 184 14.80 2.73 13.77
N ASP A 185 14.93 3.05 12.48
CA ASP A 185 14.11 4.08 11.83
C ASP A 185 13.90 3.71 10.38
N PRO A 186 13.10 2.66 10.11
CA PRO A 186 12.86 2.27 8.71
C PRO A 186 12.31 3.39 7.85
N ALA A 187 11.48 4.28 8.41
CA ALA A 187 10.88 5.33 7.60
C ALA A 187 11.92 6.36 7.16
N GLY A 188 12.87 6.68 8.04
CA GLY A 188 13.92 7.62 7.68
C GLY A 188 14.81 7.08 6.57
N GLU A 189 15.31 5.85 6.75
CA GLU A 189 16.14 5.24 5.72
C GLU A 189 15.42 5.14 4.39
N LEU A 190 14.17 4.67 4.40
CA LEU A 190 13.45 4.51 3.14
C LEU A 190 13.10 5.84 2.50
N GLY A 191 13.15 6.94 3.26
CA GLY A 191 13.05 8.25 2.65
C GLY A 191 14.17 8.50 1.65
N ARG A 192 15.39 8.14 2.02
CA ARG A 192 16.53 8.31 1.12
C ARG A 192 16.39 7.43 -0.12
N VAL A 193 16.02 6.15 0.09
CA VAL A 193 15.95 5.21 -1.02
C VAL A 193 14.93 5.68 -2.06
N GLN A 194 13.81 6.24 -1.61
CA GLN A 194 12.81 6.74 -2.54
C GLN A 194 13.34 7.93 -3.34
N ASP A 195 14.05 8.84 -2.68
CA ASP A 195 14.69 9.94 -3.40
C ASP A 195 15.71 9.41 -4.41
N PHE A 196 16.45 8.36 -4.03
CA PHE A 196 17.48 7.82 -4.90
C PHE A 196 16.89 7.16 -6.14
N LEU A 197 15.67 6.64 -6.05
CA LEU A 197 15.02 5.98 -7.17
C LEU A 197 14.01 6.88 -7.86
N GLY A 198 13.97 8.17 -7.53
CA GLY A 198 13.02 9.08 -8.13
C GLY A 198 11.58 8.78 -7.82
N LEU A 199 11.31 8.11 -6.70
CA LEU A 199 9.95 7.79 -6.28
C LEU A 199 9.44 8.85 -5.31
N LYS A 200 8.19 9.23 -5.46
CA LYS A 200 7.59 10.16 -4.52
C LYS A 200 7.62 9.57 -3.12
N ARG A 201 7.92 10.42 -2.14
CA ARG A 201 7.86 10.02 -0.74
C ARG A 201 6.46 9.55 -0.37
N ILE A 202 6.25 8.23 -0.31
CA ILE A 202 4.99 7.65 0.11
C ILE A 202 5.15 6.74 1.32
N ILE A 203 6.14 5.84 1.27
CA ILE A 203 6.43 5.01 2.44
C ILE A 203 6.79 5.94 3.59
N THR A 204 6.27 5.63 4.78
CA THR A 204 6.36 6.57 5.89
C THR A 204 6.17 5.80 7.19
N ASP A 205 6.17 6.55 8.30
CA ASP A 205 6.15 5.92 9.62
C ASP A 205 4.87 5.12 9.83
N LYS A 206 3.74 5.60 9.32
CA LYS A 206 2.48 4.89 9.51
C LYS A 206 2.49 3.50 8.89
N HIS A 207 3.37 3.23 7.92
CA HIS A 207 3.42 1.92 7.28
C HIS A 207 4.05 0.85 8.17
N PHE A 208 4.72 1.23 9.25
CA PHE A 208 5.47 0.30 10.08
C PHE A 208 4.89 0.26 11.49
N TYR A 209 5.22 -0.81 12.20
CA TYR A 209 4.90 -0.93 13.62
C TYR A 209 5.88 -1.91 14.25
N PHE A 210 6.16 -1.71 15.53
CA PHE A 210 7.11 -2.53 16.26
C PHE A 210 6.39 -3.68 16.96
N ASN A 211 6.87 -4.90 16.75
CA ASN A 211 6.33 -6.09 17.40
C ASN A 211 7.28 -6.50 18.52
N LYS A 212 6.82 -6.35 19.77
CA LYS A 212 7.68 -6.63 20.91
C LYS A 212 8.27 -8.04 20.83
N THR A 213 7.44 -9.03 20.49
CA THR A 213 7.87 -10.42 20.51
C THR A 213 8.75 -10.80 19.33
N LYS A 214 8.81 -9.98 18.28
CA LYS A 214 9.74 -10.20 17.18
C LYS A 214 11.08 -9.52 17.43
N GLY A 215 11.05 -8.25 17.82
CA GLY A 215 12.26 -7.48 18.05
C GLY A 215 12.63 -6.55 16.92
N PHE A 216 11.82 -6.47 15.87
CA PHE A 216 12.10 -5.63 14.72
C PHE A 216 10.82 -4.94 14.29
N PRO A 217 10.93 -3.84 13.54
CA PRO A 217 9.75 -3.29 12.88
C PRO A 217 9.07 -4.34 11.99
N CYS A 218 7.76 -4.19 11.84
CA CYS A 218 6.98 -5.01 10.93
C CYS A 218 6.07 -4.10 10.10
N LEU A 219 5.50 -4.67 9.04
CA LEU A 219 4.61 -3.90 8.17
C LEU A 219 3.17 -4.05 8.62
N LYS A 220 2.48 -2.91 8.73
CA LYS A 220 1.05 -2.93 8.98
C LYS A 220 0.32 -3.67 7.87
N LYS A 221 0.58 -3.30 6.62
CA LYS A 221 0.06 -4.00 5.45
C LYS A 221 1.22 -4.23 4.49
N ALA A 222 1.60 -5.49 4.30
CA ALA A 222 2.56 -5.82 3.26
C ALA A 222 1.91 -5.70 1.89
N GLU A 223 2.75 -5.55 0.87
CA GLU A 223 2.27 -5.67 -0.50
C GLU A 223 1.59 -7.02 -0.67
N GLY A 224 0.40 -7.00 -1.26
CA GLY A 224 -0.34 -8.24 -1.44
C GLY A 224 -1.04 -8.76 -0.21
N SER A 225 -1.11 -7.97 0.85
CA SER A 225 -1.79 -8.39 2.08
C SER A 225 -2.45 -7.19 2.74
N SER A 226 -3.54 -7.48 3.46
CA SER A 226 -4.19 -6.48 4.30
C SER A 226 -3.88 -6.69 5.78
N ARG A 227 -3.17 -7.75 6.13
CA ARG A 227 -2.86 -8.08 7.50
C ARG A 227 -1.45 -7.62 7.88
N PRO A 228 -1.18 -7.47 9.17
CA PRO A 228 0.21 -7.22 9.60
C PRO A 228 1.12 -8.37 9.19
N HIS A 229 2.34 -8.01 8.80
CA HIS A 229 3.29 -8.98 8.25
C HIS A 229 4.68 -8.65 8.79
N CYS A 230 5.20 -9.54 9.64
CA CYS A 230 6.60 -9.52 10.02
C CYS A 230 7.40 -10.38 9.06
N LEU A 231 8.73 -10.36 9.22
CA LEU A 231 9.58 -11.17 8.37
C LEU A 231 9.66 -12.60 8.91
N GLY A 232 9.86 -13.55 8.00
CA GLY A 232 9.82 -14.95 8.32
C GLY A 232 10.74 -15.37 9.46
N LYS A 233 10.67 -16.65 9.83
CA LYS A 233 11.55 -17.16 10.88
C LYS A 233 13.02 -17.09 10.49
N THR A 234 13.32 -16.96 9.20
CA THR A 234 14.68 -16.88 8.71
C THR A 234 15.33 -15.51 8.95
N LYS A 235 14.57 -14.54 9.46
CA LYS A 235 15.06 -13.17 9.63
C LYS A 235 14.78 -12.74 11.07
N GLY A 236 15.84 -12.43 11.80
CA GLY A 236 15.72 -12.07 13.21
C GLY A 236 16.27 -13.17 14.09
N ARG A 237 17.35 -13.80 13.66
CA ARG A 237 17.90 -14.94 14.38
C ARG A 237 18.63 -14.50 15.65
N THR A 238 18.52 -15.32 16.69
CA THR A 238 19.31 -15.12 17.89
C THR A 238 20.75 -15.56 17.62
N HIS A 239 21.68 -14.61 17.70
CA HIS A 239 23.08 -14.93 17.49
C HIS A 239 23.64 -15.66 18.71
N PRO A 240 24.66 -16.49 18.53
CA PRO A 240 25.33 -17.10 19.68
C PRO A 240 26.21 -16.09 20.39
N GLU A 241 26.54 -16.41 21.64
CA GLU A 241 27.47 -15.58 22.41
C GLU A 241 28.89 -15.78 21.90
N ILE A 242 29.60 -14.69 21.66
CA ILE A 242 30.91 -14.71 21.04
C ILE A 242 31.92 -14.07 21.99
N ASP A 243 33.13 -14.64 22.03
CA ASP A 243 34.23 -14.12 22.83
C ASP A 243 34.52 -12.68 22.47
N ARG A 244 34.32 -11.75 23.41
CA ARG A 244 34.53 -10.33 23.10
C ARG A 244 35.97 -10.04 22.69
N GLU A 245 36.93 -10.89 23.07
CA GLU A 245 38.30 -10.69 22.62
C GLU A 245 38.41 -10.93 21.11
N VAL A 246 37.66 -11.91 20.60
CA VAL A 246 37.61 -12.12 19.16
C VAL A 246 36.91 -10.95 18.48
N VAL A 247 35.81 -10.48 19.06
CA VAL A 247 35.10 -9.32 18.51
C VAL A 247 36.04 -8.13 18.44
N ARG A 248 36.76 -7.86 19.53
CA ARG A 248 37.73 -6.78 19.53
C ARG A 248 38.77 -6.98 18.43
N ARG A 249 39.31 -8.19 18.33
CA ARG A 249 40.28 -8.49 17.28
C ARG A 249 39.64 -8.41 15.90
N LEU A 250 38.33 -8.62 15.81
CA LEU A 250 37.66 -8.51 14.51
C LEU A 250 37.34 -7.05 14.18
N ARG A 251 36.91 -6.26 15.18
CA ARG A 251 36.73 -4.84 14.94
C ARG A 251 38.05 -4.17 14.56
N GLU A 252 39.16 -4.64 15.14
CA GLU A 252 40.46 -4.08 14.83
C GLU A 252 40.88 -4.41 13.40
N PHE A 253 40.54 -5.62 12.94
CA PHE A 253 40.85 -6.00 11.57
C PHE A 253 40.09 -5.14 10.57
N TYR A 254 38.82 -4.84 10.87
CA TYR A 254 37.99 -4.08 9.92
C TYR A 254 38.23 -2.58 9.99
N ARG A 255 38.63 -2.06 11.15
CA ARG A 255 38.77 -0.62 11.37
C ARG A 255 39.36 0.08 10.16
N PRO A 256 40.59 -0.27 9.75
CA PRO A 256 41.17 0.43 8.58
C PRO A 256 40.33 0.29 7.33
N PHE A 257 39.65 -0.84 7.14
CA PHE A 257 38.80 -1.01 5.96
C PHE A 257 37.50 -0.22 6.11
N ASN A 258 36.96 -0.14 7.32
CA ASN A 258 35.76 0.67 7.55
C ASN A 258 36.04 2.15 7.29
N LEU A 259 37.19 2.65 7.75
CA LEU A 259 37.52 4.06 7.53
C LEU A 259 37.61 4.37 6.04
N LYS A 260 38.30 3.52 5.28
CA LYS A 260 38.35 3.69 3.84
C LYS A 260 36.95 3.74 3.25
N PHE A 261 36.10 2.80 3.63
CA PHE A 261 34.73 2.76 3.13
C PHE A 261 34.01 4.08 3.41
N TYR A 262 34.17 4.62 4.62
CA TYR A 262 33.52 5.88 4.95
C TYR A 262 33.96 6.99 3.99
N GLN A 263 35.26 7.03 3.65
CA GLN A 263 35.76 8.06 2.77
C GLN A 263 35.23 7.89 1.35
N MET A 264 35.17 6.65 0.86
CA MET A 264 34.66 6.41 -0.48
C MET A 264 33.19 6.82 -0.60
N THR A 265 32.40 6.57 0.44
CA THR A 265 30.97 6.85 0.42
C THR A 265 30.62 8.22 0.98
N GLY A 266 31.55 8.90 1.65
CA GLY A 266 31.26 10.18 2.24
C GLY A 266 30.34 10.12 3.44
N HIS A 267 30.17 8.94 4.03
CA HIS A 267 29.27 8.77 5.16
C HIS A 267 29.92 7.84 6.18
N ASP A 268 29.73 8.19 7.46
CA ASP A 268 30.23 7.39 8.58
C ASP A 268 29.05 6.61 9.16
N PHE A 269 29.10 5.29 9.02
CA PHE A 269 27.99 4.42 9.43
C PHE A 269 28.06 4.01 10.89
N GLY A 270 29.01 4.56 11.66
CA GLY A 270 28.98 4.43 13.10
C GLY A 270 29.51 3.12 13.67
N TRP A 271 30.14 2.28 12.84
CA TRP A 271 30.67 1.02 13.33
C TRP A 271 31.92 1.20 14.18
N ASP A 272 32.65 2.30 13.99
CA ASP A 272 33.89 2.55 14.72
C ASP A 272 33.81 3.80 15.58
N GLY A 273 32.60 4.29 15.86
CA GLY A 273 32.41 5.47 16.67
C GLY A 273 31.73 6.61 15.95
N SER B 16 -7.22 -7.67 17.24
CA SER B 16 -8.46 -7.49 17.99
C SER B 16 -9.53 -6.82 17.12
N LYS B 17 -10.74 -7.37 17.16
CA LYS B 17 -11.86 -6.89 16.35
C LYS B 17 -12.59 -5.77 17.10
N GLN B 18 -12.68 -4.60 16.46
CA GLN B 18 -13.36 -3.45 17.04
C GLN B 18 -14.63 -3.17 16.24
N LEU B 19 -15.59 -2.54 16.92
CA LEU B 19 -16.72 -1.97 16.23
C LEU B 19 -16.23 -0.80 15.36
N PRO B 20 -16.87 -0.57 14.22
CA PRO B 20 -16.32 0.40 13.25
C PRO B 20 -16.42 1.83 13.75
N GLN B 21 -15.32 2.57 13.63
CA GLN B 21 -15.28 3.98 13.99
C GLN B 21 -15.80 4.88 12.87
N ALA B 22 -15.88 4.36 11.64
CA ALA B 22 -16.34 5.15 10.51
C ALA B 22 -17.09 4.25 9.54
N ILE B 23 -18.19 4.75 9.00
CA ILE B 23 -19.06 3.96 8.13
C ILE B 23 -19.48 4.82 6.94
N ILE B 24 -19.36 4.25 5.74
CA ILE B 24 -19.95 4.83 4.54
C ILE B 24 -21.41 4.43 4.51
N ILE B 25 -22.31 5.40 4.65
CA ILE B 25 -23.74 5.12 4.84
C ILE B 25 -24.55 5.34 3.57
N GLY B 26 -23.94 5.84 2.50
CA GLY B 26 -24.67 6.13 1.27
C GLY B 26 -23.82 6.89 0.28
N VAL B 27 -24.36 7.19 -0.90
CA VAL B 27 -25.69 6.78 -1.34
C VAL B 27 -25.58 5.68 -2.37
N LYS B 28 -26.70 5.04 -2.67
CA LYS B 28 -26.75 4.02 -3.71
C LYS B 28 -26.29 4.59 -5.05
N LYS B 29 -25.26 3.99 -5.63
CA LYS B 29 -24.69 4.40 -6.91
C LYS B 29 -23.95 5.73 -6.85
N GLY B 30 -23.52 6.15 -5.66
CA GLY B 30 -22.78 7.39 -5.51
C GLY B 30 -21.29 7.24 -5.72
N GLY B 31 -20.78 6.01 -5.62
CA GLY B 31 -19.36 5.75 -5.74
C GLY B 31 -18.79 5.23 -4.44
N THR B 32 -19.59 4.42 -3.74
CA THR B 32 -19.25 4.00 -2.39
C THR B 32 -18.22 2.88 -2.38
N ARG B 33 -18.29 1.97 -3.35
CA ARG B 33 -17.26 0.93 -3.44
C ARG B 33 -15.93 1.54 -3.85
N ALA B 34 -15.93 2.45 -4.82
CA ALA B 34 -14.71 3.11 -5.24
C ALA B 34 -14.02 3.77 -4.04
N LEU B 35 -14.79 4.47 -3.21
CA LEU B 35 -14.20 5.17 -2.07
C LEU B 35 -13.58 4.18 -1.09
N LEU B 36 -14.33 3.16 -0.71
CA LEU B 36 -13.82 2.21 0.29
C LEU B 36 -12.58 1.50 -0.22
N GLU B 37 -12.57 1.12 -1.51
CA GLU B 37 -11.41 0.42 -2.04
C GLU B 37 -10.18 1.31 -2.07
N PHE B 38 -10.36 2.63 -2.19
CA PHE B 38 -9.23 3.54 -2.16
C PHE B 38 -8.70 3.73 -0.74
N LEU B 39 -9.62 3.84 0.25
CA LEU B 39 -9.22 3.89 1.65
C LEU B 39 -8.53 2.61 2.10
N ARG B 40 -8.91 1.47 1.51
CA ARG B 40 -8.31 0.18 1.86
C ARG B 40 -6.81 0.13 1.59
N VAL B 41 -6.27 1.00 0.74
CA VAL B 41 -4.82 1.02 0.54
C VAL B 41 -4.13 1.51 1.81
N HIS B 42 -4.71 2.49 2.49
CA HIS B 42 -4.07 3.11 3.64
C HIS B 42 -3.67 2.04 4.67
N PRO B 43 -2.47 2.12 5.24
CA PRO B 43 -2.06 1.12 6.24
C PRO B 43 -2.87 1.16 7.53
N ASP B 44 -3.63 2.23 7.78
CA ASP B 44 -4.42 2.38 9.00
C ASP B 44 -5.92 2.17 8.77
N VAL B 45 -6.29 1.54 7.65
CA VAL B 45 -7.68 1.24 7.35
C VAL B 45 -7.82 -0.27 7.20
N ARG B 46 -8.80 -0.84 7.89
CA ARG B 46 -9.19 -2.23 7.74
C ARG B 46 -10.70 -2.28 7.63
N ALA B 47 -11.21 -2.84 6.54
CA ALA B 47 -12.62 -2.74 6.21
C ALA B 47 -13.24 -4.10 6.01
N VAL B 48 -14.54 -4.17 6.29
CA VAL B 48 -15.34 -5.30 5.84
C VAL B 48 -15.46 -5.24 4.33
N GLY B 49 -15.33 -6.38 3.67
CA GLY B 49 -15.42 -6.41 2.23
C GLY B 49 -16.82 -6.18 1.71
N ALA B 50 -17.68 -7.16 1.88
CA ALA B 50 -19.04 -7.07 1.36
C ALA B 50 -19.90 -6.19 2.26
N GLU B 51 -20.96 -5.63 1.68
CA GLU B 51 -21.92 -4.84 2.42
C GLU B 51 -22.55 -5.71 3.50
N PRO B 52 -22.32 -5.41 4.80
CA PRO B 52 -22.84 -6.29 5.86
C PRO B 52 -24.33 -6.12 6.11
N HIS B 53 -24.87 -4.93 5.84
CA HIS B 53 -26.29 -4.65 6.01
C HIS B 53 -26.76 -5.02 7.41
N PHE B 54 -26.07 -4.48 8.42
CA PHE B 54 -26.42 -4.79 9.81
C PHE B 54 -27.50 -3.87 10.36
N PHE B 55 -27.32 -2.55 10.22
CA PHE B 55 -28.26 -1.61 10.82
C PHE B 55 -29.59 -1.55 10.08
N ASP B 56 -29.70 -2.18 8.91
CA ASP B 56 -30.94 -2.16 8.12
C ASP B 56 -31.60 -3.52 8.03
N ARG B 57 -30.84 -4.60 7.92
CA ARG B 57 -31.40 -5.93 7.68
C ARG B 57 -31.13 -6.94 8.80
N SER B 58 -30.00 -6.84 9.50
CA SER B 58 -29.58 -7.89 10.43
C SER B 58 -29.40 -7.36 11.85
N TYR B 59 -30.07 -6.26 12.19
CA TYR B 59 -29.85 -5.64 13.49
C TYR B 59 -30.17 -6.60 14.64
N ASP B 60 -31.25 -7.37 14.51
CA ASP B 60 -31.66 -8.25 15.61
C ASP B 60 -30.59 -9.27 15.97
N LYS B 61 -29.65 -9.54 15.06
CA LYS B 61 -28.58 -10.49 15.36
C LYS B 61 -27.69 -10.03 16.50
N GLY B 62 -27.68 -8.73 16.81
CA GLY B 62 -26.95 -8.21 17.94
C GLY B 62 -25.61 -7.64 17.56
N LEU B 63 -25.09 -6.77 18.42
CA LEU B 63 -23.80 -6.13 18.18
C LEU B 63 -22.63 -7.11 18.23
N ALA B 64 -22.79 -8.23 18.93
CA ALA B 64 -21.71 -9.22 18.99
C ALA B 64 -21.51 -9.88 17.63
N TRP B 65 -22.60 -10.15 16.91
CA TRP B 65 -22.50 -10.64 15.55
C TRP B 65 -21.83 -9.62 14.64
N TYR B 66 -22.15 -8.33 14.85
CA TYR B 66 -21.54 -7.26 14.07
C TYR B 66 -20.04 -7.18 14.30
N ARG B 67 -19.61 -7.31 15.56
CA ARG B 67 -18.19 -7.18 15.88
C ARG B 67 -17.38 -8.33 15.27
N ASP B 68 -17.82 -9.57 15.48
CA ASP B 68 -17.11 -10.72 14.92
C ASP B 68 -17.06 -10.67 13.40
N LEU B 69 -17.91 -9.88 12.76
CA LEU B 69 -17.89 -9.71 11.32
C LEU B 69 -16.76 -8.78 10.86
N MET B 70 -16.18 -8.02 11.79
CA MET B 70 -15.16 -7.04 11.46
C MET B 70 -13.79 -7.70 11.33
N PRO B 71 -12.86 -7.06 10.62
CA PRO B 71 -11.48 -7.55 10.61
C PRO B 71 -10.73 -7.08 11.85
N ARG B 72 -9.83 -7.95 12.34
CA ARG B 72 -8.96 -7.55 13.44
C ARG B 72 -8.17 -6.32 13.06
N THR B 73 -7.78 -5.54 14.07
CA THR B 73 -7.05 -4.29 13.87
C THR B 73 -5.94 -4.18 14.90
N LEU B 74 -4.91 -3.42 14.54
CA LEU B 74 -3.90 -2.98 15.49
C LEU B 74 -4.29 -1.62 16.07
N ASP B 75 -3.58 -1.23 17.12
CA ASP B 75 -3.71 0.12 17.65
C ASP B 75 -3.46 1.13 16.54
N GLY B 76 -4.35 2.12 16.41
CA GLY B 76 -4.23 3.16 15.43
C GLY B 76 -4.97 2.90 14.13
N GLN B 77 -5.35 1.66 13.86
CA GLN B 77 -6.08 1.34 12.64
C GLN B 77 -7.56 1.62 12.83
N ILE B 78 -8.20 2.11 11.78
CA ILE B 78 -9.63 2.42 11.77
C ILE B 78 -10.38 1.26 11.12
N THR B 79 -11.50 0.88 11.72
CA THR B 79 -12.37 -0.15 11.19
C THR B 79 -13.56 0.50 10.47
N MET B 80 -13.91 -0.05 9.31
CA MET B 80 -14.93 0.57 8.48
C MET B 80 -15.76 -0.48 7.75
N GLU B 81 -16.94 -0.05 7.30
CA GLU B 81 -17.76 -0.81 6.37
C GLU B 81 -18.48 0.19 5.48
N LYS B 82 -19.17 -0.33 4.46
CA LYS B 82 -19.99 0.50 3.60
C LYS B 82 -21.28 -0.24 3.28
N THR B 83 -22.41 0.39 3.58
CA THR B 83 -23.73 -0.10 3.21
C THR B 83 -24.55 1.06 2.66
N PRO B 84 -24.76 1.15 1.35
CA PRO B 84 -25.41 2.35 0.79
C PRO B 84 -26.83 2.57 1.26
N SER B 85 -27.49 1.56 1.81
CA SER B 85 -28.91 1.65 2.16
C SER B 85 -29.15 2.22 3.56
N TYR B 86 -28.10 2.43 4.36
CA TYR B 86 -28.30 3.04 5.67
C TYR B 86 -28.90 4.43 5.53
N PHE B 87 -28.38 5.21 4.59
CA PHE B 87 -28.77 6.62 4.46
C PHE B 87 -30.27 6.79 4.41
N VAL B 88 -31.00 5.80 3.89
CA VAL B 88 -32.45 5.91 3.71
C VAL B 88 -33.20 4.89 4.56
N THR B 89 -32.55 4.32 5.57
CA THR B 89 -33.21 3.45 6.54
C THR B 89 -33.69 4.30 7.70
N ARG B 90 -35.02 4.40 7.85
CA ARG B 90 -35.59 5.29 8.85
C ARG B 90 -35.01 5.07 10.24
N GLU B 91 -34.66 3.82 10.57
CA GLU B 91 -34.17 3.49 11.90
C GLU B 91 -32.66 3.55 12.03
N ALA B 92 -31.92 3.58 10.93
CA ALA B 92 -30.46 3.48 11.00
C ALA B 92 -29.82 4.59 11.83
N PRO B 93 -30.22 5.86 11.71
CA PRO B 93 -29.54 6.91 12.51
C PRO B 93 -29.51 6.62 14.00
N ALA B 94 -30.65 6.26 14.59
CA ALA B 94 -30.69 6.05 16.03
C ALA B 94 -29.94 4.79 16.45
N ARG B 95 -29.88 3.78 15.59
CA ARG B 95 -29.16 2.56 15.92
C ARG B 95 -27.66 2.80 15.93
N ILE B 96 -27.13 3.43 14.88
CA ILE B 96 -25.70 3.74 14.84
C ILE B 96 -25.35 4.69 15.98
N SER B 97 -26.23 5.65 16.26
CA SER B 97 -26.05 6.52 17.41
C SER B 97 -26.02 5.71 18.71
N ALA B 98 -26.86 4.68 18.80
CA ALA B 98 -26.85 3.82 19.99
C ALA B 98 -25.54 3.07 20.13
N MET B 99 -24.88 2.76 19.02
CA MET B 99 -23.59 2.07 19.10
C MET B 99 -22.50 3.01 19.60
N SER B 100 -22.44 4.22 19.03
CA SER B 100 -21.51 5.24 19.50
C SER B 100 -21.88 6.59 18.90
N LYS B 101 -22.20 7.56 19.76
CA LYS B 101 -22.56 8.90 19.30
C LYS B 101 -21.38 9.62 18.65
N ASP B 102 -20.17 9.08 18.77
CA ASP B 102 -18.99 9.65 18.12
C ASP B 102 -18.67 9.01 16.78
N THR B 103 -19.48 8.05 16.34
CA THR B 103 -19.28 7.43 15.03
C THR B 103 -19.22 8.49 13.94
N LYS B 104 -18.26 8.34 13.04
CA LYS B 104 -18.13 9.23 11.90
C LYS B 104 -18.80 8.60 10.68
N LEU B 105 -19.47 9.43 9.89
CA LEU B 105 -20.29 8.95 8.78
C LEU B 105 -19.85 9.62 7.49
N ILE B 106 -19.74 8.82 6.43
CA ILE B 106 -19.36 9.30 5.10
C ILE B 106 -20.53 9.06 4.16
N VAL B 107 -20.83 10.06 3.33
CA VAL B 107 -21.89 9.97 2.34
C VAL B 107 -21.29 10.36 1.00
N VAL B 108 -21.23 9.39 0.08
CA VAL B 108 -20.76 9.64 -1.28
C VAL B 108 -21.97 10.01 -2.12
N VAL B 109 -22.08 11.27 -2.48
CA VAL B 109 -23.24 11.78 -3.21
C VAL B 109 -22.85 11.99 -4.67
N ARG B 110 -23.89 12.08 -5.51
CA ARG B 110 -23.72 12.14 -6.95
C ARG B 110 -24.96 12.83 -7.53
N ASP B 111 -24.79 13.41 -8.72
CA ASP B 111 -25.91 14.07 -9.39
C ASP B 111 -27.13 13.18 -9.30
N PRO B 112 -28.25 13.64 -8.71
CA PRO B 112 -29.40 12.76 -8.54
C PRO B 112 -29.94 12.18 -9.84
N VAL B 113 -29.78 12.87 -10.96
CA VAL B 113 -30.28 12.36 -12.23
C VAL B 113 -29.43 11.20 -12.71
N THR B 114 -28.10 11.38 -12.72
CA THR B 114 -27.22 10.28 -13.11
C THR B 114 -27.24 9.17 -12.07
N ARG B 115 -27.60 9.47 -10.83
CA ARG B 115 -27.74 8.43 -9.81
C ARG B 115 -28.98 7.58 -10.06
N ALA B 116 -30.10 8.22 -10.39
CA ALA B 116 -31.32 7.49 -10.69
C ALA B 116 -31.12 6.60 -11.91
N ILE B 117 -30.45 7.11 -12.95
CA ILE B 117 -30.20 6.31 -14.16
C ILE B 117 -29.24 5.18 -13.85
N SER B 118 -28.21 5.44 -13.04
CA SER B 118 -27.30 4.39 -12.62
C SER B 118 -28.03 3.33 -11.81
N ASP B 119 -29.03 3.74 -11.01
CA ASP B 119 -29.81 2.77 -10.25
C ASP B 119 -30.67 1.92 -11.16
N TYR B 120 -31.34 2.55 -12.13
CA TYR B 120 -32.14 1.81 -13.10
C TYR B 120 -31.29 0.89 -13.95
N THR B 121 -30.11 1.35 -14.36
CA THR B 121 -29.24 0.51 -15.18
C THR B 121 -28.78 -0.73 -14.42
N GLN B 122 -28.52 -0.60 -13.12
CA GLN B 122 -28.16 -1.75 -12.31
C GLN B 122 -29.26 -2.80 -12.35
N THR B 123 -30.50 -2.38 -12.08
CA THR B 123 -31.63 -3.29 -12.25
C THR B 123 -31.69 -3.82 -13.67
N LEU B 124 -31.35 -2.99 -14.65
CA LEU B 124 -31.43 -3.40 -16.05
C LEU B 124 -30.48 -4.54 -16.35
N SER B 125 -29.24 -4.48 -15.83
CA SER B 125 -28.26 -5.53 -16.08
C SER B 125 -28.58 -6.83 -15.36
N LYS B 126 -29.62 -6.86 -14.52
CA LYS B 126 -30.06 -8.08 -13.86
C LYS B 126 -31.43 -8.56 -14.31
N ARG B 127 -32.31 -7.65 -14.70
CA ARG B 127 -33.62 -7.98 -15.24
C ARG B 127 -33.80 -7.20 -16.54
N PRO B 128 -33.45 -7.80 -17.69
CA PRO B 128 -33.36 -7.02 -18.94
C PRO B 128 -34.70 -6.72 -19.62
N ASP B 129 -35.83 -7.20 -19.13
CA ASP B 129 -37.12 -7.01 -19.80
C ASP B 129 -37.94 -5.87 -19.20
N ILE B 130 -37.37 -5.08 -18.29
CA ILE B 130 -38.13 -4.09 -17.53
C ILE B 130 -38.47 -2.90 -18.42
N PRO B 131 -39.45 -2.08 -18.05
CA PRO B 131 -39.79 -0.91 -18.87
C PRO B 131 -38.63 0.06 -18.98
N THR B 132 -38.81 1.06 -19.86
CA THR B 132 -37.79 2.07 -20.07
C THR B 132 -37.72 3.03 -18.89
N PHE B 133 -36.53 3.62 -18.72
CA PHE B 133 -36.35 4.65 -17.69
C PHE B 133 -37.37 5.76 -17.85
N GLU B 134 -37.70 6.11 -19.10
CA GLU B 134 -38.59 7.25 -19.34
C GLU B 134 -39.99 6.99 -18.81
N SER B 135 -40.46 5.74 -18.93
CA SER B 135 -41.83 5.44 -18.53
C SER B 135 -41.97 5.31 -17.01
N LEU B 136 -40.96 4.74 -16.35
CA LEU B 136 -40.99 4.68 -14.89
C LEU B 136 -40.80 6.06 -14.27
N THR B 137 -40.36 7.05 -15.05
CA THR B 137 -40.09 8.38 -14.51
C THR B 137 -41.38 9.14 -14.23
N PHE B 138 -42.40 8.95 -15.07
CA PHE B 138 -43.61 9.75 -15.00
C PHE B 138 -44.80 8.89 -14.61
N LYS B 139 -45.42 9.19 -13.47
CA LYS B 139 -46.71 8.60 -13.14
C LYS B 139 -47.78 9.04 -14.12
N ASN B 140 -47.56 10.15 -14.82
CA ASN B 140 -48.49 10.64 -15.85
C ASN B 140 -47.68 11.53 -16.78
N ARG B 141 -47.09 10.93 -17.81
CA ARG B 141 -46.14 11.62 -18.65
C ARG B 141 -46.79 12.76 -19.43
N THR B 142 -48.08 12.66 -19.74
CA THR B 142 -48.73 13.71 -20.49
C THR B 142 -48.89 14.99 -19.67
N ALA B 143 -48.97 14.86 -18.35
CA ALA B 143 -49.01 16.00 -17.45
C ALA B 143 -47.63 16.39 -16.93
N GLY B 144 -46.58 15.70 -17.34
CA GLY B 144 -45.27 15.93 -16.78
C GLY B 144 -45.17 15.55 -15.31
N LEU B 145 -46.05 14.69 -14.84
CA LEU B 145 -46.15 14.35 -13.42
C LEU B 145 -45.14 13.26 -13.10
N ILE B 146 -44.07 13.64 -12.38
CA ILE B 146 -43.03 12.69 -12.01
C ILE B 146 -43.53 11.74 -10.94
N ASP B 147 -43.18 10.47 -11.07
CA ASP B 147 -43.55 9.43 -10.11
C ASP B 147 -42.55 9.48 -8.97
N THR B 148 -42.91 10.16 -7.89
CA THR B 148 -42.01 10.34 -6.76
C THR B 148 -42.04 9.17 -5.78
N SER B 149 -42.95 8.22 -5.95
CA SER B 149 -42.92 7.00 -5.15
C SER B 149 -41.86 6.02 -5.66
N TRP B 150 -41.39 6.18 -6.89
CA TRP B 150 -40.34 5.31 -7.41
C TRP B 150 -39.07 5.49 -6.59
N SER B 151 -38.57 4.39 -6.04
CA SER B 151 -37.42 4.46 -5.13
C SER B 151 -36.21 5.08 -5.82
N ALA B 152 -36.07 4.92 -7.13
CA ALA B 152 -34.92 5.46 -7.83
C ALA B 152 -34.95 6.98 -7.88
N ILE B 153 -36.13 7.57 -7.96
CA ILE B 153 -36.26 9.02 -7.84
C ILE B 153 -36.17 9.43 -6.37
N GLN B 154 -36.68 8.59 -5.46
CA GLN B 154 -36.79 8.98 -4.05
C GLN B 154 -35.42 9.07 -3.39
N ILE B 155 -34.54 8.09 -3.63
CA ILE B 155 -33.23 8.08 -2.99
C ILE B 155 -32.48 9.37 -3.25
N GLY B 156 -32.67 9.96 -4.43
CA GLY B 156 -31.92 11.13 -4.84
C GLY B 156 -32.30 12.42 -4.14
N ILE B 157 -33.28 12.40 -3.24
CA ILE B 157 -33.66 13.58 -2.49
C ILE B 157 -32.88 13.58 -1.18
N TYR B 158 -31.57 13.83 -1.27
CA TYR B 158 -30.69 13.68 -0.11
C TYR B 158 -31.10 14.59 1.03
N ALA B 159 -31.69 15.74 0.72
CA ALA B 159 -32.13 16.65 1.78
C ALA B 159 -33.12 15.98 2.71
N LYS B 160 -34.18 15.39 2.15
CA LYS B 160 -35.17 14.69 2.96
C LYS B 160 -34.50 13.67 3.87
N HIS B 161 -33.55 12.92 3.34
CA HIS B 161 -32.94 11.84 4.12
C HIS B 161 -31.95 12.36 5.14
N LEU B 162 -31.28 13.48 4.86
CA LEU B 162 -30.26 13.98 5.79
C LEU B 162 -30.88 14.50 7.08
N GLU B 163 -32.10 15.03 7.02
CA GLU B 163 -32.71 15.63 8.21
C GLU B 163 -32.92 14.59 9.31
N HIS B 164 -33.29 13.36 8.94
CA HIS B 164 -33.36 12.30 9.94
C HIS B 164 -32.00 12.05 10.57
N TRP B 165 -30.92 12.24 9.80
CA TRP B 165 -29.58 11.98 10.33
C TRP B 165 -29.15 13.07 11.29
N LEU B 166 -29.49 14.33 11.00
CA LEU B 166 -29.10 15.43 11.87
C LEU B 166 -29.92 15.48 13.15
N ARG B 167 -31.02 14.72 13.24
CA ARG B 167 -31.69 14.52 14.51
C ARG B 167 -30.86 13.70 15.48
N HIS B 168 -29.81 13.03 15.01
CA HIS B 168 -28.97 12.18 15.84
C HIS B 168 -27.48 12.44 15.74
N PHE B 169 -27.02 13.11 14.69
CA PHE B 169 -25.60 13.36 14.52
C PHE B 169 -25.37 14.83 14.17
N PRO B 170 -24.36 15.47 14.77
CA PRO B 170 -24.01 16.82 14.32
C PRO B 170 -23.40 16.77 12.93
N ILE B 171 -23.68 17.81 12.14
CA ILE B 171 -23.30 17.81 10.73
C ILE B 171 -21.80 17.65 10.53
N ARG B 172 -21.00 17.91 11.57
CA ARG B 172 -19.56 17.86 11.45
C ARG B 172 -18.98 16.47 11.66
N GLN B 173 -19.79 15.51 12.08
CA GLN B 173 -19.41 14.10 12.07
C GLN B 173 -19.84 13.41 10.78
N MET B 174 -20.35 14.16 9.81
CA MET B 174 -20.73 13.62 8.50
C MET B 174 -19.87 14.27 7.44
N LEU B 175 -19.28 13.46 6.58
CA LEU B 175 -18.48 13.94 5.45
C LEU B 175 -19.21 13.61 4.16
N PHE B 176 -19.47 14.63 3.35
CA PHE B 176 -20.17 14.47 2.08
C PHE B 176 -19.16 14.53 0.95
N VAL B 177 -18.93 13.38 0.33
CA VAL B 177 -17.89 13.23 -0.69
C VAL B 177 -18.53 13.36 -2.06
N SER B 178 -17.94 14.21 -2.90
CA SER B 178 -18.44 14.42 -4.26
C SER B 178 -18.10 13.22 -5.13
N GLY B 179 -19.12 12.46 -5.53
CA GLY B 179 -18.89 11.32 -6.38
C GLY B 179 -18.30 11.68 -7.73
N GLU B 180 -18.64 12.87 -8.24
CA GLU B 180 -18.05 13.30 -9.52
C GLU B 180 -16.56 13.55 -9.38
N ARG B 181 -16.15 14.25 -8.32
CA ARG B 181 -14.72 14.51 -8.12
C ARG B 181 -13.98 13.24 -7.74
N LEU B 182 -14.66 12.28 -7.11
CA LEU B 182 -14.05 10.98 -6.87
C LEU B 182 -13.60 10.34 -8.17
N ILE B 183 -14.31 10.63 -9.26
CA ILE B 183 -13.96 10.10 -10.58
C ILE B 183 -12.82 10.90 -11.20
N SER B 184 -13.02 12.21 -11.34
CA SER B 184 -12.09 13.03 -12.12
C SER B 184 -10.78 13.28 -11.39
N ASP B 185 -10.82 13.37 -10.06
CA ASP B 185 -9.64 13.69 -9.26
C ASP B 185 -9.66 12.86 -7.98
N PRO B 186 -9.42 11.55 -8.10
CA PRO B 186 -9.52 10.70 -6.90
C PRO B 186 -8.51 11.05 -5.82
N ALA B 187 -7.31 11.49 -6.21
CA ALA B 187 -6.32 11.90 -5.21
C ALA B 187 -6.82 13.06 -4.38
N GLY B 188 -7.44 14.04 -5.03
CA GLY B 188 -7.97 15.19 -4.32
C GLY B 188 -9.01 14.82 -3.28
N GLU B 189 -10.08 14.13 -3.71
CA GLU B 189 -11.15 13.79 -2.79
C GLU B 189 -10.65 12.92 -1.65
N LEU B 190 -9.72 12.00 -1.94
CA LEU B 190 -9.19 11.15 -0.87
C LEU B 190 -8.42 11.94 0.16
N GLY B 191 -7.95 13.14 -0.18
CA GLY B 191 -7.31 13.98 0.82
C GLY B 191 -8.30 14.47 1.87
N ARG B 192 -9.45 14.96 1.43
CA ARG B 192 -10.52 15.32 2.36
C ARG B 192 -10.81 14.17 3.31
N VAL B 193 -11.04 12.98 2.75
CA VAL B 193 -11.51 11.85 3.55
C VAL B 193 -10.48 11.46 4.61
N GLN B 194 -9.20 11.41 4.21
CA GLN B 194 -8.15 11.04 5.15
C GLN B 194 -8.06 12.04 6.31
N ASP B 195 -8.15 13.33 6.00
CA ASP B 195 -8.14 14.33 7.06
C ASP B 195 -9.36 14.19 7.95
N PHE B 196 -10.54 14.05 7.35
CA PHE B 196 -11.76 13.87 8.14
C PHE B 196 -11.65 12.63 9.00
N LEU B 197 -11.06 11.56 8.48
CA LEU B 197 -10.93 10.31 9.23
C LEU B 197 -9.75 10.32 10.19
N GLY B 198 -8.97 11.39 10.24
CA GLY B 198 -7.84 11.46 11.15
C GLY B 198 -6.64 10.63 10.73
N LEU B 199 -6.60 10.15 9.50
CA LEU B 199 -5.47 9.38 9.01
C LEU B 199 -4.42 10.32 8.44
N LYS B 200 -3.18 9.83 8.39
CA LYS B 200 -2.14 10.55 7.68
C LYS B 200 -2.40 10.48 6.18
N ARG B 201 -2.07 11.56 5.47
CA ARG B 201 -2.27 11.62 4.03
C ARG B 201 -1.22 10.75 3.35
N ILE B 202 -1.63 9.57 2.90
CA ILE B 202 -0.76 8.63 2.18
C ILE B 202 -1.27 8.39 0.76
N ILE B 203 -2.58 8.13 0.63
CA ILE B 203 -3.16 7.91 -0.69
C ILE B 203 -3.06 9.21 -1.48
N THR B 204 -2.37 9.15 -2.62
CA THR B 204 -2.08 10.35 -3.41
C THR B 204 -2.12 9.99 -4.89
N ASP B 205 -1.58 10.86 -5.72
CA ASP B 205 -1.71 10.73 -7.17
C ASP B 205 -0.98 9.53 -7.74
N LYS B 206 0.01 9.00 -7.00
CA LYS B 206 0.78 7.87 -7.52
C LYS B 206 0.07 6.53 -7.34
N HIS B 207 -0.92 6.46 -6.45
CA HIS B 207 -1.67 5.23 -6.27
C HIS B 207 -2.70 5.00 -7.38
N PHE B 208 -2.84 5.92 -8.32
CA PHE B 208 -3.89 5.87 -9.32
C PHE B 208 -3.29 5.99 -10.72
N TYR B 209 -4.06 5.48 -11.69
CA TYR B 209 -3.76 5.67 -13.10
C TYR B 209 -5.06 5.51 -13.86
N PHE B 210 -5.14 6.16 -15.02
CA PHE B 210 -6.33 6.08 -15.87
C PHE B 210 -6.20 4.89 -16.80
N ASN B 211 -7.29 4.11 -16.92
CA ASN B 211 -7.37 2.99 -17.83
C ASN B 211 -8.41 3.34 -18.89
N LYS B 212 -7.93 3.85 -20.03
CA LYS B 212 -8.83 4.32 -21.08
C LYS B 212 -9.93 3.31 -21.38
N THR B 213 -9.59 2.01 -21.36
CA THR B 213 -10.55 1.00 -21.75
C THR B 213 -11.78 1.02 -20.85
N LYS B 214 -11.59 1.18 -19.53
CA LYS B 214 -12.73 1.22 -18.64
C LYS B 214 -13.30 2.62 -18.47
N GLY B 215 -12.46 3.65 -18.50
CA GLY B 215 -12.91 5.02 -18.44
C GLY B 215 -12.88 5.65 -17.06
N PHE B 216 -12.41 4.92 -16.04
CA PHE B 216 -12.32 5.48 -14.70
C PHE B 216 -10.89 5.36 -14.18
N PRO B 217 -10.54 6.06 -13.10
CA PRO B 217 -9.27 5.77 -12.44
C PRO B 217 -9.21 4.34 -11.95
N CYS B 218 -7.99 3.80 -11.91
CA CYS B 218 -7.75 2.47 -11.37
C CYS B 218 -6.59 2.55 -10.40
N LEU B 219 -6.44 1.50 -9.59
CA LEU B 219 -5.41 1.46 -8.57
C LEU B 219 -4.13 0.85 -9.13
N LYS B 220 -3.00 1.54 -8.92
CA LYS B 220 -1.70 0.94 -9.19
C LYS B 220 -1.55 -0.36 -8.40
N LYS B 221 -1.85 -0.32 -7.11
CA LYS B 221 -1.88 -1.51 -6.27
C LYS B 221 -3.12 -1.44 -5.39
N ALA B 222 -3.98 -2.44 -5.51
CA ALA B 222 -5.08 -2.57 -4.57
C ALA B 222 -4.58 -3.14 -3.25
N GLU B 223 -5.41 -3.04 -2.23
CA GLU B 223 -5.13 -3.75 -0.98
C GLU B 223 -5.12 -5.24 -1.26
N GLY B 224 -4.08 -5.92 -0.78
CA GLY B 224 -3.98 -7.34 -1.02
C GLY B 224 -3.61 -7.72 -2.44
N SER B 225 -2.90 -6.86 -3.16
CA SER B 225 -2.56 -7.13 -4.56
C SER B 225 -1.34 -6.32 -4.96
N SER B 226 -0.49 -6.92 -5.80
CA SER B 226 0.63 -6.23 -6.42
C SER B 226 0.34 -5.78 -7.84
N ARG B 227 -0.69 -6.36 -8.50
CA ARG B 227 -1.03 -6.01 -9.88
C ARG B 227 -2.02 -4.85 -9.91
N PRO B 228 -2.00 -4.04 -10.98
CA PRO B 228 -2.99 -2.96 -11.08
C PRO B 228 -4.41 -3.51 -11.08
N HIS B 229 -5.33 -2.74 -10.52
CA HIS B 229 -6.69 -3.21 -10.27
C HIS B 229 -7.69 -2.13 -10.64
N CYS B 230 -8.45 -2.36 -11.70
CA CYS B 230 -9.67 -1.60 -11.97
C CYS B 230 -10.84 -2.30 -11.30
N LEU B 231 -11.87 -1.53 -10.96
CA LEU B 231 -13.06 -2.12 -10.37
C LEU B 231 -13.76 -3.04 -11.36
N GLY B 232 -14.61 -3.92 -10.82
CA GLY B 232 -15.29 -4.93 -11.61
C GLY B 232 -16.19 -4.36 -12.69
N LYS B 233 -16.94 -5.23 -13.36
CA LYS B 233 -17.82 -4.79 -14.44
C LYS B 233 -19.16 -4.28 -13.94
N THR B 234 -19.52 -4.57 -12.68
CA THR B 234 -20.68 -3.97 -12.05
C THR B 234 -20.47 -2.51 -11.70
N LYS B 235 -19.25 -1.98 -11.90
CA LYS B 235 -18.91 -0.59 -11.62
C LYS B 235 -18.43 0.05 -12.92
N GLY B 236 -19.14 1.07 -13.38
CA GLY B 236 -18.82 1.71 -14.64
C GLY B 236 -19.66 1.19 -15.78
N ARG B 237 -20.94 0.94 -15.51
CA ARG B 237 -21.84 0.42 -16.52
C ARG B 237 -22.12 1.46 -17.59
N THR B 238 -22.37 0.98 -18.80
CA THR B 238 -22.83 1.84 -19.88
C THR B 238 -24.30 2.19 -19.66
N HIS B 239 -24.60 3.47 -19.58
CA HIS B 239 -25.97 3.90 -19.34
C HIS B 239 -26.77 3.95 -20.64
N PRO B 240 -28.08 3.72 -20.58
CA PRO B 240 -28.89 3.88 -21.79
C PRO B 240 -29.10 5.35 -22.14
N GLU B 241 -29.39 5.59 -23.41
CA GLU B 241 -29.76 6.92 -23.86
C GLU B 241 -31.15 7.28 -23.31
N ILE B 242 -31.24 8.43 -22.65
CA ILE B 242 -32.51 8.94 -22.15
C ILE B 242 -32.90 10.14 -22.99
N ASP B 243 -34.18 10.21 -23.35
CA ASP B 243 -34.69 11.36 -24.09
C ASP B 243 -34.40 12.64 -23.32
N ARG B 244 -33.79 13.62 -23.99
CA ARG B 244 -33.21 14.76 -23.29
C ARG B 244 -34.27 15.59 -22.55
N GLU B 245 -35.53 15.55 -23.01
CA GLU B 245 -36.58 16.27 -22.28
C GLU B 245 -36.88 15.61 -20.94
N VAL B 246 -36.73 14.29 -20.85
CA VAL B 246 -36.89 13.61 -19.57
C VAL B 246 -35.76 13.99 -18.63
N VAL B 247 -34.52 13.97 -19.13
CA VAL B 247 -33.39 14.52 -18.38
C VAL B 247 -33.71 15.92 -17.89
N ARG B 248 -34.25 16.75 -18.78
CA ARG B 248 -34.53 18.14 -18.44
C ARG B 248 -35.54 18.24 -17.32
N ARG B 249 -36.66 17.52 -17.45
CA ARG B 249 -37.71 17.59 -16.43
C ARG B 249 -37.24 17.03 -15.09
N LEU B 250 -36.27 16.11 -15.12
CA LEU B 250 -35.71 15.58 -13.87
C LEU B 250 -34.76 16.58 -13.22
N ARG B 251 -34.02 17.34 -14.02
CA ARG B 251 -33.18 18.38 -13.45
C ARG B 251 -34.01 19.53 -12.91
N GLU B 252 -35.20 19.75 -13.49
CA GLU B 252 -36.12 20.74 -12.93
C GLU B 252 -36.75 20.24 -11.63
N PHE B 253 -37.00 18.93 -11.55
CA PHE B 253 -37.57 18.36 -10.33
C PHE B 253 -36.56 18.42 -9.17
N TYR B 254 -35.31 18.05 -9.45
CA TYR B 254 -34.31 17.90 -8.39
C TYR B 254 -33.67 19.22 -7.96
N ARG B 255 -33.74 20.26 -8.79
CA ARG B 255 -32.99 21.48 -8.49
C ARG B 255 -33.34 22.07 -7.13
N PRO B 256 -34.60 22.36 -6.80
CA PRO B 256 -34.88 22.92 -5.47
C PRO B 256 -34.43 22.02 -4.34
N PHE B 257 -34.56 20.70 -4.51
CA PHE B 257 -34.09 19.77 -3.48
C PHE B 257 -32.56 19.77 -3.41
N ASN B 258 -31.89 19.90 -4.55
CA ASN B 258 -30.43 20.03 -4.55
C ASN B 258 -29.99 21.28 -3.80
N LEU B 259 -30.69 22.40 -4.04
CA LEU B 259 -30.34 23.64 -3.34
C LEU B 259 -30.48 23.46 -1.82
N LYS B 260 -31.62 22.92 -1.38
CA LYS B 260 -31.79 22.59 0.04
C LYS B 260 -30.58 21.82 0.55
N PHE B 261 -30.15 20.80 -0.21
CA PHE B 261 -29.05 19.96 0.21
C PHE B 261 -27.73 20.74 0.20
N TYR B 262 -27.50 21.56 -0.83
CA TYR B 262 -26.33 22.42 -0.84
C TYR B 262 -26.24 23.21 0.46
N GLN B 263 -27.36 23.79 0.87
CA GLN B 263 -27.39 24.60 2.10
C GLN B 263 -27.14 23.73 3.32
N MET B 264 -27.77 22.56 3.39
CA MET B 264 -27.61 21.70 4.55
C MET B 264 -26.16 21.26 4.74
N THR B 265 -25.48 20.94 3.64
CA THR B 265 -24.08 20.51 3.72
C THR B 265 -23.10 21.68 3.76
N GLY B 266 -23.52 22.86 3.29
CA GLY B 266 -22.60 23.96 3.14
C GLY B 266 -21.68 23.83 1.95
N HIS B 267 -22.00 22.96 1.00
CA HIS B 267 -21.14 22.70 -0.15
C HIS B 267 -22.01 22.56 -1.39
N ASP B 268 -21.73 23.38 -2.41
CA ASP B 268 -22.33 23.22 -3.73
C ASP B 268 -21.57 22.13 -4.48
N PHE B 269 -22.29 21.10 -4.92
CA PHE B 269 -21.67 19.97 -5.61
C PHE B 269 -21.72 20.10 -7.12
N GLY B 270 -22.25 21.21 -7.65
CA GLY B 270 -22.15 21.51 -9.07
C GLY B 270 -23.13 20.80 -9.97
N TRP B 271 -24.18 20.17 -9.41
CA TRP B 271 -25.11 19.44 -10.24
C TRP B 271 -25.99 20.37 -11.06
N ASP B 272 -26.20 21.59 -10.59
CA ASP B 272 -27.07 22.55 -11.29
C ASP B 272 -26.24 23.66 -11.93
#